data_5M6N
#
_entry.id   5M6N
#
_cell.length_a   30.745
_cell.length_b   70.130
_cell.length_c   119.034
_cell.angle_alpha   90.00
_cell.angle_beta   90.00
_cell.angle_gamma   90.00
#
_symmetry.space_group_name_H-M   'P 21 21 21'
#
loop_
_entity.id
_entity.type
_entity.pdbx_description
1 polymer 'Baculoviral IAP repeat-containing protein 2'
2 non-polymer 'ZINC ION'
3 non-polymer 'SULFATE ION'
4 non-polymer 1-[6-[(4-fluorophenyl)methyl]-3,3-dimethyl-2~{H}-pyrrolo[3,2-b]pyridin-1-yl]-2-[(2~{R},5~{R})-5-methyl-2-[[(3~{R})-3-methylmorpholin-4-yl]methyl]piperazin-4-ium-1-yl]ethanone
5 water water
#
_entity_poly.entity_id   1
_entity_poly.type   'polypeptide(L)'
_entity_poly.pdbx_seq_one_letter_code
;MGSSHHHHHHSSGLVPRGSHMQTHAARMRTFMYWPSSVPVQPEQLASAGFYYVGRNDDVKCFCCDGGLRCWESGDDPWVE
HAKWFPRCEFLIRMKGQEFVDEIQGRYPHLLEQLLSTS
;
_entity_poly.pdbx_strand_id   A,B
#
# COMPACT_ATOMS: atom_id res chain seq x y z
N GLY A 18 3.34 2.76 -2.91
CA GLY A 18 4.66 3.08 -3.48
C GLY A 18 5.49 3.99 -2.61
N SER A 19 6.70 4.39 -3.09
CA SER A 19 7.62 5.22 -2.32
C SER A 19 7.64 6.67 -2.84
N HIS A 20 6.84 6.98 -3.87
CA HIS A 20 6.92 8.32 -4.46
C HIS A 20 5.52 8.94 -4.49
N MET A 21 5.44 10.25 -4.91
CA MET A 21 4.12 10.88 -5.18
C MET A 21 3.27 11.03 -3.90
N GLN A 22 3.92 11.18 -2.74
CA GLN A 22 3.23 11.25 -1.46
C GLN A 22 2.58 12.60 -1.24
N THR A 23 3.00 13.67 -1.96
CA THR A 23 2.34 14.97 -1.78
C THR A 23 1.39 15.28 -2.90
N HIS A 24 0.33 16.04 -2.61
CA HIS A 24 -0.64 16.52 -3.63
C HIS A 24 0.09 17.25 -4.75
N ALA A 25 1.07 18.14 -4.42
CA ALA A 25 1.83 18.86 -5.45
C ALA A 25 2.57 17.93 -6.42
N ALA A 26 3.29 16.95 -5.89
CA ALA A 26 3.98 15.94 -6.74
C ALA A 26 2.99 15.22 -7.64
N ARG A 27 1.81 14.78 -7.09
CA ARG A 27 0.81 14.12 -7.95
C ARG A 27 0.32 15.06 -9.03
N MET A 28 0.04 16.32 -8.68
CA MET A 28 -0.37 17.30 -9.70
C MET A 28 0.64 17.44 -10.84
N ARG A 29 1.97 17.44 -10.52
CA ARG A 29 2.98 17.61 -11.57
C ARG A 29 2.93 16.49 -12.61
N THR A 30 2.53 15.28 -12.20
CA THR A 30 2.47 14.14 -13.15
C THR A 30 1.40 14.34 -14.25
N PHE A 31 0.45 15.26 -14.03
CA PHE A 31 -0.62 15.49 -14.98
C PHE A 31 -0.27 16.47 -16.12
N MET A 32 1.04 16.85 -16.25
CA MET A 32 1.51 17.74 -17.28
C MET A 32 0.97 17.33 -18.69
N TYR A 33 1.04 16.01 -18.99
CA TYR A 33 0.61 15.50 -20.30
C TYR A 33 -0.73 14.74 -20.24
N TRP A 34 -1.52 14.95 -19.18
CA TRP A 34 -2.89 14.39 -19.09
C TRP A 34 -3.71 14.79 -20.33
N PRO A 35 -4.33 13.86 -21.08
CA PRO A 35 -5.10 14.29 -22.29
C PRO A 35 -6.28 15.17 -21.90
N SER A 36 -6.42 16.34 -22.55
CA SER A 36 -7.43 17.35 -22.21
C SER A 36 -8.86 16.85 -22.47
N SER A 37 -9.01 15.82 -23.31
CA SER A 37 -10.34 15.28 -23.59
C SER A 37 -10.89 14.31 -22.52
N VAL A 38 -10.04 13.81 -21.59
CA VAL A 38 -10.53 12.94 -20.52
C VAL A 38 -11.52 13.75 -19.61
N PRO A 39 -12.74 13.23 -19.34
CA PRO A 39 -13.72 14.05 -18.61
C PRO A 39 -13.58 14.09 -17.08
N VAL A 40 -12.40 13.73 -16.54
CA VAL A 40 -12.11 13.82 -15.10
C VAL A 40 -10.79 14.62 -15.05
N GLN A 41 -10.70 15.57 -14.12
CA GLN A 41 -9.62 16.56 -14.11
C GLN A 41 -8.50 16.20 -13.12
N PRO A 42 -7.25 16.64 -13.40
CA PRO A 42 -6.12 16.34 -12.51
C PRO A 42 -6.36 16.65 -11.01
N GLU A 43 -6.94 17.83 -10.67
CA GLU A 43 -7.12 18.21 -9.26
CA GLU A 43 -7.12 18.19 -9.26
C GLU A 43 -7.93 17.14 -8.49
N GLN A 44 -9.06 16.69 -9.07
CA GLN A 44 -9.95 15.65 -8.53
CA GLN A 44 -9.90 15.71 -8.39
C GLN A 44 -9.15 14.35 -8.27
N LEU A 45 -8.36 13.93 -9.28
CA LEU A 45 -7.56 12.72 -9.19
C LEU A 45 -6.46 12.78 -8.13
N ALA A 46 -5.66 13.87 -8.18
CA ALA A 46 -4.55 14.06 -7.24
C ALA A 46 -5.05 14.14 -5.79
N SER A 47 -6.18 14.82 -5.59
CA SER A 47 -6.81 14.92 -4.24
C SER A 47 -7.14 13.53 -3.69
N ALA A 48 -7.54 12.63 -4.58
CA ALA A 48 -7.94 11.28 -4.19
C ALA A 48 -6.75 10.29 -4.16
N GLY A 49 -5.53 10.79 -4.26
CA GLY A 49 -4.33 9.99 -4.11
C GLY A 49 -3.72 9.48 -5.42
N PHE A 50 -4.35 9.81 -6.54
CA PHE A 50 -3.94 9.29 -7.85
C PHE A 50 -2.92 10.20 -8.56
N TYR A 51 -1.99 9.58 -9.28
CA TYR A 51 -1.05 10.30 -10.15
C TYR A 51 -1.09 9.64 -11.52
N TYR A 52 -0.71 10.40 -12.55
CA TYR A 52 -0.72 9.93 -13.94
C TYR A 52 0.52 9.11 -14.26
N VAL A 53 0.34 7.91 -14.80
CA VAL A 53 1.48 7.06 -15.20
C VAL A 53 2.05 7.39 -16.60
N GLY A 54 1.39 8.29 -17.37
CA GLY A 54 1.97 8.76 -18.64
C GLY A 54 1.45 8.02 -19.86
N ARG A 55 0.41 7.17 -19.71
CA ARG A 55 -0.17 6.51 -20.88
C ARG A 55 -1.68 6.65 -20.80
N ASN A 56 -2.31 7.08 -21.90
CA ASN A 56 -3.77 7.16 -22.04
C ASN A 56 -4.39 7.89 -20.82
N ASP A 57 -5.35 7.29 -20.12
CA ASP A 57 -5.92 7.93 -18.92
C ASP A 57 -5.65 7.07 -17.68
N ASP A 58 -4.53 6.32 -17.73
CA ASP A 58 -4.12 5.44 -16.63
C ASP A 58 -3.54 6.21 -15.46
N VAL A 59 -4.13 5.97 -14.27
CA VAL A 59 -3.70 6.57 -12.99
C VAL A 59 -3.40 5.47 -11.96
N LYS A 60 -2.57 5.78 -10.96
CA LYS A 60 -2.30 4.84 -9.87
CA LYS A 60 -2.18 4.86 -9.89
C LYS A 60 -2.34 5.58 -8.55
N CYS A 61 -2.80 4.91 -7.48
CA CYS A 61 -2.75 5.51 -6.14
C CYS A 61 -1.29 5.43 -5.62
N PHE A 62 -0.74 6.51 -5.08
CA PHE A 62 0.62 6.55 -4.51
C PHE A 62 0.78 5.58 -3.31
N CYS A 63 -0.37 5.25 -2.64
CA CYS A 63 -0.29 4.51 -1.38
C CYS A 63 -0.52 2.99 -1.66
N CYS A 64 -1.70 2.62 -2.20
CA CYS A 64 -2.10 1.18 -2.38
C CYS A 64 -1.70 0.63 -3.75
N ASP A 65 -1.17 1.51 -4.62
CA ASP A 65 -0.77 1.19 -6.02
C ASP A 65 -1.91 0.70 -6.86
N GLY A 66 -3.16 0.89 -6.42
CA GLY A 66 -4.32 0.53 -7.24
C GLY A 66 -4.37 1.35 -8.54
N GLY A 67 -4.63 0.70 -9.66
CA GLY A 67 -4.66 1.33 -10.98
C GLY A 67 -6.06 1.46 -11.52
N LEU A 68 -6.37 2.64 -12.10
CA LEU A 68 -7.69 2.88 -12.70
C LEU A 68 -7.53 3.56 -14.04
N ARG A 69 -8.43 3.25 -14.95
CA ARG A 69 -8.46 3.82 -16.31
C ARG A 69 -9.89 3.93 -16.78
N CYS A 70 -10.11 4.41 -18.04
CA CYS A 70 -11.42 4.50 -18.67
C CYS A 70 -12.38 5.35 -17.80
N TRP A 71 -11.90 6.54 -17.42
CA TRP A 71 -12.66 7.51 -16.63
C TRP A 71 -13.82 8.01 -17.49
N GLU A 72 -14.97 8.13 -16.86
CA GLU A 72 -16.21 8.52 -17.55
C GLU A 72 -16.70 9.82 -16.93
N SER A 73 -17.43 10.61 -17.72
CA SER A 73 -18.07 11.82 -17.24
C SER A 73 -18.89 11.55 -15.94
N GLY A 74 -18.73 12.40 -14.95
CA GLY A 74 -19.39 12.25 -13.66
C GLY A 74 -18.73 11.32 -12.65
N ASP A 75 -17.67 10.59 -13.03
CA ASP A 75 -16.90 9.76 -12.09
C ASP A 75 -16.35 10.58 -10.96
N ASP A 76 -16.41 10.04 -9.74
CA ASP A 76 -15.88 10.68 -8.56
C ASP A 76 -14.65 9.82 -8.14
N PRO A 77 -13.43 10.35 -8.28
CA PRO A 77 -12.24 9.58 -7.90
C PRO A 77 -12.25 9.01 -6.48
N TRP A 78 -12.81 9.73 -5.48
CA TRP A 78 -12.90 9.12 -4.13
C TRP A 78 -13.85 7.90 -4.06
N VAL A 79 -14.98 7.95 -4.79
CA VAL A 79 -15.91 6.83 -4.86
C VAL A 79 -15.25 5.64 -5.59
N GLU A 80 -14.58 5.91 -6.74
CA GLU A 80 -13.86 4.85 -7.48
C GLU A 80 -12.75 4.23 -6.59
N HIS A 81 -12.04 5.08 -5.81
CA HIS A 81 -10.97 4.62 -4.91
C HIS A 81 -11.59 3.62 -3.88
N ALA A 82 -12.73 4.01 -3.26
CA ALA A 82 -13.41 3.18 -2.24
C ALA A 82 -14.10 1.95 -2.86
N LYS A 83 -14.57 2.05 -4.09
CA LYS A 83 -15.22 0.89 -4.74
C LYS A 83 -14.18 -0.22 -5.08
N TRP A 84 -13.00 0.14 -5.57
CA TRP A 84 -12.05 -0.81 -6.08
C TRP A 84 -10.98 -1.15 -5.08
N PHE A 85 -10.57 -0.18 -4.22
CA PHE A 85 -9.44 -0.40 -3.32
C PHE A 85 -9.83 -0.06 -1.88
N PRO A 86 -10.86 -0.73 -1.32
CA PRO A 86 -11.39 -0.29 -0.02
C PRO A 86 -10.46 -0.39 1.17
N ARG A 87 -9.39 -1.21 1.05
CA ARG A 87 -8.43 -1.34 2.15
C ARG A 87 -7.26 -0.34 2.08
N CYS A 88 -7.28 0.57 1.07
CA CYS A 88 -6.22 1.61 1.00
C CYS A 88 -6.16 2.46 2.28
N GLU A 89 -4.99 2.45 2.97
CA GLU A 89 -4.82 3.22 4.20
C GLU A 89 -4.89 4.76 3.98
N PHE A 90 -4.44 5.24 2.83
CA PHE A 90 -4.56 6.70 2.51
C PHE A 90 -6.06 7.05 2.36
N LEU A 91 -6.81 6.26 1.55
CA LEU A 91 -8.28 6.43 1.40
C LEU A 91 -8.96 6.45 2.81
N ILE A 92 -8.63 5.47 3.66
CA ILE A 92 -9.26 5.41 5.00
C ILE A 92 -8.89 6.66 5.84
N ARG A 93 -7.62 7.07 5.86
CA ARG A 93 -7.19 8.26 6.64
CA ARG A 93 -7.27 8.21 6.69
C ARG A 93 -7.96 9.51 6.19
N MET A 94 -8.17 9.66 4.85
CA MET A 94 -8.75 10.91 4.35
C MET A 94 -10.28 10.94 4.43
N LYS A 95 -10.92 9.81 4.13
CA LYS A 95 -12.35 9.71 3.96
C LYS A 95 -13.03 9.00 5.09
N GLY A 96 -12.27 8.18 5.81
CA GLY A 96 -12.77 7.46 6.99
C GLY A 96 -13.40 6.11 6.62
N GLN A 97 -13.31 5.14 7.57
CA GLN A 97 -13.85 3.81 7.33
C GLN A 97 -15.37 3.83 7.03
N GLU A 98 -16.11 4.73 7.62
CA GLU A 98 -17.56 4.76 7.37
C GLU A 98 -17.89 5.07 5.92
N PHE A 99 -17.18 6.07 5.33
CA PHE A 99 -17.35 6.38 3.88
C PHE A 99 -17.08 5.11 3.04
N VAL A 100 -15.95 4.44 3.32
CA VAL A 100 -15.58 3.21 2.56
C VAL A 100 -16.68 2.13 2.72
N ASP A 101 -17.11 1.87 3.97
CA ASP A 101 -18.20 0.90 4.26
C ASP A 101 -19.46 1.17 3.43
N GLU A 102 -19.88 2.44 3.41
CA GLU A 102 -21.11 2.82 2.65
C GLU A 102 -20.91 2.61 1.15
N ILE A 103 -19.74 2.98 0.61
CA ILE A 103 -19.44 2.70 -0.82
C ILE A 103 -19.50 1.18 -1.09
N GLN A 104 -19.00 0.37 -0.14
CA GLN A 104 -19.04 -1.11 -0.20
C GLN A 104 -20.48 -1.73 0.08
N GLY A 105 -21.50 -0.88 0.19
CA GLY A 105 -22.88 -1.30 0.41
C GLY A 105 -23.22 -1.74 1.83
N ARG A 106 -22.52 -1.18 2.83
CA ARG A 106 -22.74 -1.50 4.24
C ARG A 106 -23.25 -0.27 4.99
N TYR A 107 -24.50 -0.35 5.51
CA TYR A 107 -25.12 0.84 6.08
C TYR A 107 -25.54 0.71 7.57
N PRO A 108 -24.93 -0.13 8.43
CA PRO A 108 -25.37 -0.14 9.84
C PRO A 108 -25.17 1.18 10.61
N HIS A 109 -24.26 2.08 10.15
CA HIS A 109 -24.01 3.34 10.85
C HIS A 109 -24.41 4.59 10.03
N LEU A 110 -25.37 4.43 9.08
CA LEU A 110 -25.81 5.53 8.22
C LEU A 110 -26.35 6.75 9.00
N LEU A 111 -27.31 6.54 9.93
CA LEU A 111 -27.89 7.67 10.70
C LEU A 111 -26.80 8.50 11.39
N GLU A 112 -25.87 7.84 12.09
CA GLU A 112 -24.80 8.56 12.78
C GLU A 112 -23.96 9.34 11.73
N GLN A 113 -23.64 8.70 10.59
CA GLN A 113 -22.88 9.35 9.50
C GLN A 113 -23.57 10.66 9.09
N LEU A 114 -24.87 10.56 8.77
CA LEU A 114 -25.72 11.69 8.36
C LEU A 114 -25.79 12.76 9.45
N LEU A 115 -26.06 12.37 10.70
CA LEU A 115 -26.06 13.28 11.87
C LEU A 115 -24.74 14.07 12.05
N SER A 116 -23.61 13.34 12.03
CA SER A 116 -22.28 13.88 12.33
C SER A 116 -21.88 15.05 11.42
N THR A 117 -22.37 15.07 10.16
CA THR A 117 -21.98 16.07 9.15
C THR A 117 -22.97 17.23 8.92
N HIS B 20 12.91 -1.87 -8.25
CA HIS B 20 11.76 -1.66 -7.36
C HIS B 20 12.11 -2.04 -5.90
N MET B 21 12.15 -0.98 -5.01
CA MET B 21 12.19 -1.11 -3.55
CA MET B 21 12.20 -1.11 -3.54
C MET B 21 13.51 -1.65 -3.02
N GLN B 22 14.57 -1.52 -3.83
CA GLN B 22 15.86 -2.15 -3.53
C GLN B 22 16.62 -1.45 -2.43
N THR B 23 16.33 -0.15 -2.17
CA THR B 23 17.05 0.56 -1.12
C THR B 23 16.23 0.61 0.17
N HIS B 24 16.92 0.60 1.30
CA HIS B 24 16.32 0.76 2.63
C HIS B 24 15.48 2.05 2.66
N ALA B 25 16.01 3.19 2.12
CA ALA B 25 15.25 4.46 2.05
C ALA B 25 13.92 4.36 1.32
N ALA B 26 13.89 3.73 0.11
CA ALA B 26 12.65 3.53 -0.61
C ALA B 26 11.68 2.70 0.23
N ARG B 27 12.17 1.59 0.87
CA ARG B 27 11.28 0.78 1.69
C ARG B 27 10.74 1.60 2.85
N MET B 28 11.59 2.37 3.52
CA MET B 28 11.14 3.23 4.62
C MET B 28 10.03 4.20 4.19
N ARG B 29 10.12 4.80 3.00
CA ARG B 29 9.09 5.75 2.54
C ARG B 29 7.73 5.11 2.45
N THR B 30 7.65 3.81 2.06
CA THR B 30 6.35 3.17 1.94
C THR B 30 5.59 3.05 3.26
N PHE B 31 6.29 3.20 4.40
CA PHE B 31 5.68 3.10 5.71
C PHE B 31 5.00 4.40 6.19
N MET B 32 4.84 5.41 5.31
CA MET B 32 4.21 6.68 5.64
C MET B 32 2.82 6.47 6.32
N TYR B 33 2.03 5.55 5.76
CA TYR B 33 0.68 5.23 6.23
C TYR B 33 0.60 3.90 6.99
N TRP B 34 1.77 3.37 7.45
CA TRP B 34 1.80 2.20 8.33
C TRP B 34 0.92 2.44 9.57
N PRO B 35 -0.06 1.56 9.88
CA PRO B 35 -0.92 1.82 11.04
C PRO B 35 -0.10 1.86 12.33
N SER B 36 -0.33 2.92 13.15
CA SER B 36 0.40 3.16 14.40
C SER B 36 0.14 2.07 15.43
N SER B 37 -0.99 1.35 15.32
CA SER B 37 -1.31 0.27 16.26
C SER B 37 -0.53 -1.02 16.04
N VAL B 38 0.04 -1.24 14.82
CA VAL B 38 0.81 -2.48 14.56
C VAL B 38 2.08 -2.53 15.47
N PRO B 39 2.26 -3.62 16.25
CA PRO B 39 3.38 -3.67 17.22
C PRO B 39 4.74 -4.07 16.66
N VAL B 40 4.93 -3.99 15.33
CA VAL B 40 6.23 -4.21 14.67
C VAL B 40 6.47 -2.92 13.88
N GLN B 41 7.70 -2.40 13.94
CA GLN B 41 8.03 -1.07 13.47
C GLN B 41 8.62 -1.04 12.07
N PRO B 42 8.39 0.06 11.31
CA PRO B 42 8.97 0.17 9.95
C PRO B 42 10.45 -0.16 9.83
N GLU B 43 11.30 0.41 10.72
CA GLU B 43 12.76 0.19 10.63
C GLU B 43 13.12 -1.31 10.58
N GLN B 44 12.57 -2.10 11.53
CA GLN B 44 12.79 -3.56 11.58
C GLN B 44 12.31 -4.28 10.33
N LEU B 45 11.15 -3.90 9.80
CA LEU B 45 10.63 -4.48 8.54
C LEU B 45 11.47 -4.14 7.32
N ALA B 46 11.79 -2.86 7.15
CA ALA B 46 12.58 -2.36 5.99
C ALA B 46 13.98 -2.99 6.01
N SER B 47 14.58 -3.13 7.19
CA SER B 47 15.90 -3.80 7.33
C SER B 47 15.83 -5.24 6.86
N ALA B 48 14.70 -5.91 7.09
CA ALA B 48 14.52 -7.32 6.68
C ALA B 48 14.03 -7.46 5.22
N GLY B 49 14.02 -6.37 4.46
CA GLY B 49 13.70 -6.38 3.03
C GLY B 49 12.26 -6.07 2.70
N PHE B 50 11.45 -5.81 3.70
CA PHE B 50 9.98 -5.62 3.52
C PHE B 50 9.62 -4.16 3.29
N TYR B 51 8.59 -3.94 2.46
CA TYR B 51 8.00 -2.61 2.24
C TYR B 51 6.49 -2.76 2.35
N TYR B 52 5.82 -1.68 2.68
CA TYR B 52 4.38 -1.65 2.93
C TYR B 52 3.59 -1.49 1.63
N VAL B 53 2.61 -2.34 1.39
CA VAL B 53 1.77 -2.24 0.19
C VAL B 53 0.56 -1.28 0.35
N GLY B 54 0.38 -0.65 1.52
CA GLY B 54 -0.62 0.40 1.72
C GLY B 54 -2.00 -0.11 2.11
N ARG B 55 -2.09 -1.39 2.50
CA ARG B 55 -3.34 -2.06 2.90
C ARG B 55 -3.08 -2.84 4.19
N ASN B 56 -3.98 -2.72 5.20
CA ASN B 56 -3.87 -3.42 6.48
C ASN B 56 -2.45 -3.34 7.03
N ASP B 57 -1.83 -4.47 7.38
CA ASP B 57 -0.40 -4.48 7.79
C ASP B 57 0.43 -5.35 6.81
N ASP B 58 -0.03 -5.35 5.54
CA ASP B 58 0.51 -6.24 4.49
C ASP B 58 1.85 -5.69 3.98
N VAL B 59 2.86 -6.52 4.08
CA VAL B 59 4.20 -6.16 3.59
C VAL B 59 4.66 -7.20 2.54
N LYS B 60 5.57 -6.80 1.64
CA LYS B 60 6.19 -7.71 0.64
C LYS B 60 7.69 -7.52 0.69
N CYS B 61 8.41 -8.59 0.41
CA CYS B 61 9.88 -8.48 0.18
C CYS B 61 10.18 -7.92 -1.18
N PHE B 62 11.08 -6.93 -1.22
CA PHE B 62 11.49 -6.35 -2.52
C PHE B 62 12.15 -7.39 -3.44
N CYS B 63 12.76 -8.44 -2.84
CA CYS B 63 13.59 -9.38 -3.56
C CYS B 63 12.78 -10.62 -4.01
N CYS B 64 12.16 -11.34 -3.05
CA CYS B 64 11.50 -12.65 -3.33
C CYS B 64 9.99 -12.46 -3.58
N ASP B 65 9.47 -11.23 -3.35
CA ASP B 65 8.06 -10.89 -3.49
C ASP B 65 7.15 -11.67 -2.51
N GLY B 66 7.72 -12.25 -1.46
CA GLY B 66 6.92 -12.95 -0.47
C GLY B 66 6.09 -11.96 0.37
N GLY B 67 4.85 -12.31 0.65
CA GLY B 67 3.95 -11.45 1.42
C GLY B 67 3.70 -11.94 2.83
N LEU B 68 3.68 -10.99 3.82
CA LEU B 68 3.35 -11.31 5.21
C LEU B 68 2.39 -10.27 5.81
N ARG B 69 1.53 -10.72 6.73
CA ARG B 69 0.59 -9.86 7.45
C ARG B 69 0.35 -10.35 8.86
N CYS B 70 -0.55 -9.66 9.62
CA CYS B 70 -0.98 -10.04 10.98
C CYS B 70 0.25 -10.12 11.90
N TRP B 71 1.03 -9.05 11.91
CA TRP B 71 2.21 -8.91 12.76
C TRP B 71 1.78 -8.80 14.22
N GLU B 72 2.47 -9.50 15.10
CA GLU B 72 2.14 -9.59 16.51
C GLU B 72 3.33 -9.10 17.32
N SER B 73 3.08 -8.62 18.54
CA SER B 73 4.12 -8.18 19.46
C SER B 73 5.21 -9.24 19.60
N GLY B 74 6.47 -8.82 19.49
CA GLY B 74 7.61 -9.71 19.58
C GLY B 74 8.00 -10.44 18.31
N ASP B 75 7.21 -10.35 17.21
CA ASP B 75 7.57 -10.98 15.91
C ASP B 75 8.89 -10.41 15.42
N ASP B 76 9.71 -11.29 14.82
CA ASP B 76 11.01 -10.90 14.31
C ASP B 76 10.94 -10.99 12.80
N PRO B 77 10.97 -9.85 12.08
CA PRO B 77 10.87 -9.91 10.60
C PRO B 77 11.88 -10.82 9.91
N TRP B 78 13.15 -10.88 10.41
CA TRP B 78 14.10 -11.83 9.84
C TRP B 78 13.72 -13.31 10.03
N VAL B 79 13.22 -13.67 11.20
CA VAL B 79 12.70 -15.03 11.48
C VAL B 79 11.50 -15.37 10.56
N GLU B 80 10.53 -14.48 10.48
CA GLU B 80 9.36 -14.66 9.58
C GLU B 80 9.83 -14.82 8.11
N HIS B 81 10.84 -14.01 7.69
CA HIS B 81 11.40 -14.06 6.33
C HIS B 81 11.96 -15.48 6.05
N ALA B 82 12.75 -16.02 7.00
CA ALA B 82 13.38 -17.34 6.85
C ALA B 82 12.40 -18.50 7.01
N LYS B 83 11.34 -18.29 7.85
CA LYS B 83 10.25 -19.27 8.11
C LYS B 83 9.54 -19.59 6.77
N TRP B 84 9.22 -18.53 6.02
CA TRP B 84 8.28 -18.61 4.90
C TRP B 84 8.99 -18.59 3.54
N PHE B 85 10.09 -17.86 3.43
CA PHE B 85 10.75 -17.60 2.13
C PHE B 85 12.23 -17.97 2.18
N PRO B 86 12.58 -19.24 2.52
CA PRO B 86 13.97 -19.57 2.84
C PRO B 86 14.96 -19.45 1.67
N ARG B 87 14.49 -19.49 0.41
CA ARG B 87 15.37 -19.40 -0.75
CA ARG B 87 15.37 -19.39 -0.76
C ARG B 87 15.56 -17.94 -1.23
N CYS B 88 15.03 -16.99 -0.50
CA CYS B 88 15.15 -15.58 -0.88
C CYS B 88 16.63 -15.19 -0.88
N GLU B 89 17.08 -14.65 -1.99
CA GLU B 89 18.52 -14.33 -2.14
C GLU B 89 18.98 -13.15 -1.22
N PHE B 90 18.09 -12.19 -0.97
CA PHE B 90 18.41 -11.04 -0.08
C PHE B 90 18.51 -11.55 1.36
N LEU B 91 17.51 -12.34 1.80
CA LEU B 91 17.59 -13.01 3.12
C LEU B 91 18.91 -13.82 3.29
N ILE B 92 19.29 -14.60 2.27
CA ILE B 92 20.50 -15.42 2.39
C ILE B 92 21.77 -14.53 2.51
N ARG B 93 21.85 -13.48 1.68
CA ARG B 93 23.01 -12.58 1.69
C ARG B 93 23.16 -11.90 3.08
N MET B 94 22.05 -11.49 3.65
CA MET B 94 22.09 -10.64 4.86
C MET B 94 22.25 -11.49 6.13
N LYS B 95 21.62 -12.68 6.16
CA LYS B 95 21.54 -13.52 7.36
C LYS B 95 22.35 -14.80 7.28
N GLY B 96 22.57 -15.30 6.06
CA GLY B 96 23.39 -16.48 5.84
C GLY B 96 22.53 -17.75 5.77
N GLN B 97 22.98 -18.73 4.99
CA GLN B 97 22.30 -20.03 4.86
C GLN B 97 22.20 -20.75 6.21
N GLU B 98 23.23 -20.59 7.07
CA GLU B 98 23.18 -21.23 8.38
C GLU B 98 21.97 -20.78 9.19
N PHE B 99 21.70 -19.45 9.25
CA PHE B 99 20.53 -18.87 9.92
C PHE B 99 19.23 -19.41 9.32
N VAL B 100 19.13 -19.42 7.98
CA VAL B 100 17.91 -19.94 7.33
C VAL B 100 17.70 -21.43 7.72
N ASP B 101 18.73 -22.26 7.61
CA ASP B 101 18.66 -23.70 8.01
C ASP B 101 18.20 -23.86 9.48
N GLU B 102 18.77 -23.03 10.37
CA GLU B 102 18.39 -22.97 11.78
C GLU B 102 16.88 -22.67 11.97
N ILE B 103 16.34 -21.69 11.25
CA ILE B 103 14.91 -21.32 11.32
C ILE B 103 14.04 -22.39 10.73
N GLN B 104 14.44 -22.91 9.57
CA GLN B 104 13.70 -23.99 8.91
C GLN B 104 13.60 -25.21 9.83
N GLY B 105 14.65 -25.49 10.58
CA GLY B 105 14.66 -26.53 11.60
C GLY B 105 13.68 -26.30 12.75
N ARG B 106 13.53 -25.05 13.19
CA ARG B 106 12.64 -24.69 14.30
C ARG B 106 11.16 -24.89 13.96
N TYR B 107 10.79 -24.69 12.67
CA TYR B 107 9.40 -24.67 12.22
C TYR B 107 9.20 -25.68 11.08
N PRO B 108 9.24 -27.01 11.35
CA PRO B 108 8.85 -27.97 10.31
C PRO B 108 7.33 -28.16 10.26
N HIS B 109 6.80 -28.47 9.06
CA HIS B 109 5.36 -28.60 8.77
C HIS B 109 4.54 -27.38 9.24
N LEU B 110 4.97 -26.17 8.81
CA LEU B 110 4.18 -24.93 8.93
C LEU B 110 2.84 -25.05 8.18
N LEU B 111 2.73 -26.04 7.27
CA LEU B 111 1.53 -26.39 6.50
C LEU B 111 0.40 -26.80 7.45
#